data_4ARZ
#
_entry.id   4ARZ
#
_cell.length_a   90.712
_cell.length_b   148.897
_cell.length_c   117.759
_cell.angle_alpha   90.00
_cell.angle_beta   90.00
_cell.angle_gamma   90.00
#
_symmetry.space_group_name_H-M   'C 2 2 21'
#
loop_
_entity.id
_entity.type
_entity.pdbx_description
1 polymer 'GTP-BINDING PROTEIN GTR1'
2 polymer 'GTP-BINDING PROTEIN GTR2'
3 non-polymer "GUANOSINE-5'-TRIPHOSPHATE"
4 non-polymer 'MAGNESIUM ION'
5 non-polymer "GUANOSINE-5'-DIPHOSPHATE"
6 water water
#
loop_
_entity_poly.entity_id
_entity_poly.type
_entity_poly.pdbx_seq_one_letter_code
_entity_poly.pdbx_strand_id
1 'polypeptide(L)'
;MSSNNRKKLLLMGRSGSGKSSMRSIIFSNYSAFDTRRLGATIDVEHSHLRFLGNMTLNLWDCGGQDVFMENYFTKQKDHI
FQMVQVLIHVFDVESTEVLKDIEIFAKALKQLRKYSPDAKIFVLLHKMDLVQLDKREELFQIMMKNLSETSSEFGFPNLI
GFPTSIWDESLYKAWSQIVCSLIPNMSNHQSNLKKFKEIMNALEIILFERTTFLVICSSNGENSNENHDSSDNNNVLLDP
KRFEKISNIMKNFKQSCTKLKSGFKTLILNNNIYVSELSSNMVCFIVLKDMNIPQELVLENIKKAKEFFQ
;
A
2 'polypeptide(L)'
;MSLEATDSKAMVLLMGVRRCGKSSICKVVFHNMQPLDTLYLESTSNPSLEHFSTLIDLAVMELPGQLNYFEPSYDSERLF
KSVGALVYVIDSQDEYINAITNLAMIIEYAYKVNPSINIEVLIHKVDGLSEDFKVDAQRDIMQRTGEELLELGLDGVQVS
FYLTSIFDHSIYEAFSRIVQKLIPELSFLENMLDNLIQHSKIEKAFLFDVNSKIYVSTDSNPVDIQMYEVCSEFIDVTID
LFDLYKAPVLRNSQKSSDKDNVINPRNELQNVSQLANGVIIYLRQMIRGLALVAIIRPNGTDMESCLTVADYNIDIFKKG
LEDIWANARASQAKNSIEDDV
;
B
#
loop_
_chem_comp.id
_chem_comp.type
_chem_comp.name
_chem_comp.formula
GDP RNA linking GUANOSINE-5'-DIPHOSPHATE 'C10 H15 N5 O11 P2'
GTP non-polymer GUANOSINE-5'-TRIPHOSPHATE 'C10 H16 N5 O14 P3'
MG non-polymer 'MAGNESIUM ION' 'Mg 2'
#
# COMPACT_ATOMS: atom_id res chain seq x y z
N ASN A 4 -23.78 -27.93 -9.63
CA ASN A 4 -22.59 -27.48 -10.39
C ASN A 4 -21.39 -27.21 -9.48
N ASN A 5 -20.20 -27.20 -10.06
CA ASN A 5 -18.96 -26.98 -9.33
C ASN A 5 -18.25 -25.68 -9.75
N ARG A 6 -18.71 -25.10 -10.86
CA ARG A 6 -18.15 -23.87 -11.43
C ARG A 6 -19.15 -22.70 -11.44
N LYS A 7 -18.66 -21.49 -11.22
CA LYS A 7 -19.51 -20.31 -11.19
C LYS A 7 -19.16 -19.28 -12.26
N LYS A 8 -20.19 -18.73 -12.88
CA LYS A 8 -20.04 -17.72 -13.92
C LYS A 8 -20.65 -16.41 -13.46
N LEU A 9 -19.81 -15.39 -13.36
CA LEU A 9 -20.26 -14.07 -12.92
C LEU A 9 -20.12 -13.04 -14.03
N LEU A 10 -21.12 -12.18 -14.14
CA LEU A 10 -21.11 -11.15 -15.15
C LEU A 10 -20.76 -9.81 -14.53
N LEU A 11 -19.63 -9.25 -14.93
CA LEU A 11 -19.21 -7.96 -14.44
C LEU A 11 -19.45 -6.99 -15.58
N MET A 12 -20.65 -6.41 -15.60
CA MET A 12 -21.03 -5.47 -16.65
C MET A 12 -21.25 -4.07 -16.10
N GLY A 13 -21.24 -3.10 -17.01
CA GLY A 13 -21.43 -1.71 -16.67
C GLY A 13 -20.90 -0.93 -17.86
N ARG A 14 -21.04 0.39 -17.87
CA ARG A 14 -20.54 1.18 -19.00
C ARG A 14 -19.02 1.40 -18.85
N SER A 15 -18.37 1.80 -19.94
CA SER A 15 -16.93 2.05 -19.94
C SER A 15 -16.52 3.10 -18.94
N GLY A 16 -15.48 2.81 -18.17
CA GLY A 16 -15.01 3.74 -17.18
C GLY A 16 -15.68 3.57 -15.82
N SER A 17 -16.64 2.64 -15.72
CA SER A 17 -17.33 2.41 -14.46
C SER A 17 -16.34 1.95 -13.42
N GLY A 18 -15.15 1.56 -13.87
CA GLY A 18 -14.11 1.09 -12.97
C GLY A 18 -14.21 -0.36 -12.58
N LYS A 19 -14.89 -1.17 -13.40
CA LYS A 19 -15.06 -2.58 -13.08
C LYS A 19 -13.89 -3.51 -13.38
N SER A 20 -12.93 -3.06 -14.17
CA SER A 20 -11.77 -3.88 -14.47
C SER A 20 -10.74 -3.68 -13.37
N SER A 21 -10.76 -2.50 -12.76
CA SER A 21 -9.86 -2.16 -11.68
C SER A 21 -10.21 -3.10 -10.54
N MET A 22 -11.52 -3.28 -10.34
CA MET A 22 -12.05 -4.17 -9.30
C MET A 22 -11.40 -5.52 -9.37
N ARG A 23 -11.73 -6.25 -10.43
CA ARG A 23 -11.21 -7.58 -10.64
C ARG A 23 -9.72 -7.59 -10.38
N SER A 24 -9.03 -6.61 -10.96
CA SER A 24 -7.59 -6.49 -10.85
C SER A 24 -7.07 -6.34 -9.41
N ILE A 25 -7.85 -5.66 -8.56
CA ILE A 25 -7.47 -5.48 -7.17
C ILE A 25 -7.84 -6.74 -6.37
N ILE A 26 -9.03 -7.27 -6.64
CA ILE A 26 -9.53 -8.44 -5.92
C ILE A 26 -8.95 -9.82 -6.26
N PHE A 27 -8.60 -10.06 -7.51
CA PHE A 27 -8.07 -11.37 -7.91
C PHE A 27 -6.77 -11.31 -8.70
N SER A 28 -6.09 -10.18 -8.72
CA SER A 28 -4.86 -10.10 -9.50
C SER A 28 -3.74 -9.36 -8.82
N ASN A 29 -3.96 -8.96 -7.57
CA ASN A 29 -2.94 -8.26 -6.81
C ASN A 29 -2.50 -6.93 -7.43
N TYR A 30 -3.47 -6.05 -7.66
CA TYR A 30 -3.17 -4.73 -8.19
C TYR A 30 -3.35 -3.76 -7.05
N SER A 31 -2.69 -2.62 -7.14
CA SER A 31 -2.83 -1.60 -6.11
C SER A 31 -3.85 -0.62 -6.69
N ALA A 32 -4.46 0.19 -5.85
CA ALA A 32 -5.46 1.12 -6.36
C ALA A 32 -4.94 1.89 -7.57
N PHE A 33 -3.92 2.71 -7.36
CA PHE A 33 -3.38 3.52 -8.46
C PHE A 33 -2.83 2.69 -9.60
N ASP A 34 -2.60 1.40 -9.34
CA ASP A 34 -2.09 0.46 -10.34
C ASP A 34 -3.09 0.23 -11.48
N THR A 35 -4.34 0.64 -11.27
CA THR A 35 -5.41 0.46 -12.24
C THR A 35 -5.41 1.47 -13.38
N ARG A 36 -4.74 2.61 -13.18
CA ARG A 36 -4.68 3.63 -14.20
C ARG A 36 -4.21 3.04 -15.52
N ARG A 37 -3.12 2.29 -15.47
CA ARG A 37 -2.50 1.66 -16.64
C ARG A 37 -3.34 0.56 -17.32
N LEU A 38 -4.45 0.16 -16.71
CA LEU A 38 -5.28 -0.90 -17.28
C LEU A 38 -5.70 -0.72 -18.73
N GLY A 39 -6.20 0.47 -19.07
CA GLY A 39 -6.65 0.71 -20.42
C GLY A 39 -8.00 0.06 -20.63
N ALA A 40 -8.82 0.61 -21.52
CA ALA A 40 -10.14 0.05 -21.78
C ALA A 40 -10.08 -1.42 -22.18
N THR A 41 -10.94 -2.25 -21.60
CA THR A 41 -10.95 -3.67 -21.98
C THR A 41 -11.77 -3.83 -23.24
N ILE A 42 -11.25 -4.61 -24.17
CA ILE A 42 -11.92 -4.87 -25.44
C ILE A 42 -12.79 -6.12 -25.32
N ASP A 43 -14.09 -5.95 -25.57
CA ASP A 43 -15.07 -7.02 -25.48
C ASP A 43 -15.09 -7.65 -24.09
N VAL A 44 -15.20 -8.97 -24.03
CA VAL A 44 -15.26 -9.68 -22.77
C VAL A 44 -13.92 -10.31 -22.40
N GLU A 45 -13.33 -9.85 -21.29
CA GLU A 45 -12.06 -10.38 -20.80
C GLU A 45 -12.34 -11.41 -19.69
N HIS A 46 -11.90 -12.65 -19.93
CA HIS A 46 -12.14 -13.75 -19.01
C HIS A 46 -11.06 -14.05 -17.99
N SER A 47 -11.52 -14.33 -16.77
CA SER A 47 -10.64 -14.69 -15.66
C SER A 47 -11.33 -15.77 -14.85
N HIS A 48 -10.55 -16.68 -14.31
CA HIS A 48 -11.09 -17.75 -13.49
C HIS A 48 -10.31 -17.75 -12.18
N LEU A 49 -10.80 -18.49 -11.20
CA LEU A 49 -10.11 -18.58 -9.93
C LEU A 49 -10.70 -19.70 -9.10
N ARG A 50 -9.90 -20.73 -8.84
CA ARG A 50 -10.37 -21.83 -8.01
C ARG A 50 -10.49 -21.16 -6.63
N PHE A 51 -11.69 -21.16 -6.07
CA PHE A 51 -11.96 -20.53 -4.78
C PHE A 51 -12.42 -21.56 -3.73
N LEU A 52 -11.63 -21.70 -2.68
CA LEU A 52 -11.93 -22.63 -1.60
C LEU A 52 -11.98 -24.09 -2.03
N GLY A 53 -11.04 -24.49 -2.87
CA GLY A 53 -11.01 -25.87 -3.32
C GLY A 53 -12.15 -26.27 -4.24
N ASN A 54 -13.16 -26.90 -3.68
CA ASN A 54 -14.29 -27.40 -4.44
C ASN A 54 -15.00 -26.45 -5.40
N MET A 55 -15.01 -25.15 -5.07
CA MET A 55 -15.67 -24.16 -5.93
C MET A 55 -14.69 -23.40 -6.83
N THR A 56 -15.04 -23.22 -8.09
CA THR A 56 -14.19 -22.48 -9.00
C THR A 56 -14.95 -21.24 -9.47
N LEU A 57 -14.24 -20.25 -10.00
CA LEU A 57 -14.89 -19.03 -10.46
C LEU A 57 -14.54 -18.63 -11.87
N ASN A 58 -15.54 -18.14 -12.60
CA ASN A 58 -15.34 -17.69 -13.96
C ASN A 58 -15.90 -16.29 -14.07
N LEU A 59 -14.98 -15.33 -14.06
CA LEU A 59 -15.29 -13.91 -14.11
C LEU A 59 -15.34 -13.34 -15.53
N TRP A 60 -16.51 -12.79 -15.88
CA TRP A 60 -16.75 -12.21 -17.19
C TRP A 60 -16.78 -10.68 -17.18
N ASP A 61 -15.62 -10.06 -17.36
CA ASP A 61 -15.48 -8.59 -17.36
C ASP A 61 -15.88 -8.09 -18.74
N CYS A 62 -17.06 -7.50 -18.85
CA CYS A 62 -17.52 -7.04 -20.14
C CYS A 62 -17.25 -5.59 -20.47
N GLY A 63 -16.20 -5.36 -21.25
CA GLY A 63 -15.86 -4.01 -21.66
C GLY A 63 -17.15 -3.31 -22.02
N GLY A 64 -17.34 -2.13 -21.42
CA GLY A 64 -18.57 -1.40 -21.64
C GLY A 64 -18.70 -0.31 -22.69
N GLN A 65 -17.87 -0.32 -23.74
CA GLN A 65 -18.02 0.73 -24.73
C GLN A 65 -19.31 0.41 -25.46
N ASP A 66 -20.17 1.42 -25.52
CA ASP A 66 -21.48 1.28 -26.13
C ASP A 66 -21.57 0.23 -27.22
N VAL A 67 -20.65 0.24 -28.18
CA VAL A 67 -20.65 -0.74 -29.28
C VAL A 67 -20.58 -2.18 -28.75
N PHE A 68 -19.61 -2.46 -27.89
CA PHE A 68 -19.44 -3.78 -27.30
C PHE A 68 -20.73 -4.14 -26.63
N MET A 69 -21.23 -3.21 -25.82
CA MET A 69 -22.47 -3.39 -25.10
C MET A 69 -23.64 -3.77 -25.99
N GLU A 70 -23.83 -3.04 -27.09
CA GLU A 70 -24.94 -3.36 -27.96
C GLU A 70 -24.82 -4.80 -28.46
N ASN A 71 -23.61 -5.26 -28.73
CA ASN A 71 -23.44 -6.62 -29.23
C ASN A 71 -23.72 -7.75 -28.24
N TYR A 72 -23.59 -7.49 -26.94
CA TYR A 72 -23.85 -8.55 -25.96
C TYR A 72 -25.37 -8.79 -25.92
N PHE A 73 -26.13 -7.72 -26.09
CA PHE A 73 -27.58 -7.82 -26.07
C PHE A 73 -28.17 -8.35 -27.36
N THR A 74 -27.45 -8.27 -28.46
CA THR A 74 -28.02 -8.74 -29.73
C THR A 74 -27.45 -10.05 -30.24
N LYS A 75 -26.28 -10.01 -30.88
CA LYS A 75 -25.66 -11.21 -31.43
C LYS A 75 -25.49 -12.29 -30.38
N GLN A 76 -24.54 -12.07 -29.47
CA GLN A 76 -24.19 -13.04 -28.44
C GLN A 76 -24.99 -13.04 -27.15
N LYS A 77 -26.17 -12.41 -27.15
CA LYS A 77 -26.92 -12.39 -25.92
C LYS A 77 -27.04 -13.81 -25.36
N ASP A 78 -27.21 -14.79 -26.24
CA ASP A 78 -27.32 -16.17 -25.78
C ASP A 78 -25.99 -16.62 -25.22
N HIS A 79 -24.90 -16.22 -25.87
CA HIS A 79 -23.59 -16.60 -25.38
C HIS A 79 -23.41 -15.99 -23.99
N ILE A 80 -23.54 -14.67 -23.91
CA ILE A 80 -23.37 -13.93 -22.66
C ILE A 80 -24.30 -14.33 -21.53
N PHE A 81 -25.59 -14.07 -21.70
CA PHE A 81 -26.55 -14.35 -20.66
C PHE A 81 -26.90 -15.82 -20.49
N GLN A 82 -26.05 -16.68 -21.04
CA GLN A 82 -26.28 -18.12 -20.91
C GLN A 82 -25.61 -18.63 -19.63
N MET A 83 -26.30 -19.52 -18.91
CA MET A 83 -25.80 -20.10 -17.67
C MET A 83 -25.07 -19.10 -16.76
N VAL A 84 -25.80 -18.08 -16.34
CA VAL A 84 -25.26 -17.03 -15.48
C VAL A 84 -25.62 -17.23 -14.01
N GLN A 85 -24.61 -17.35 -13.14
CA GLN A 85 -24.86 -17.52 -11.71
C GLN A 85 -25.20 -16.18 -11.07
N VAL A 86 -24.35 -15.19 -11.35
CA VAL A 86 -24.48 -13.86 -10.78
C VAL A 86 -24.19 -12.71 -11.75
N LEU A 87 -24.80 -11.57 -11.45
CA LEU A 87 -24.58 -10.36 -12.22
C LEU A 87 -24.16 -9.26 -11.24
N ILE A 88 -22.96 -8.75 -11.42
CA ILE A 88 -22.49 -7.66 -10.60
C ILE A 88 -22.50 -6.56 -11.61
N HIS A 89 -23.54 -5.74 -11.59
CA HIS A 89 -23.62 -4.61 -12.50
C HIS A 89 -23.00 -3.42 -11.79
N VAL A 90 -22.23 -2.61 -12.52
CA VAL A 90 -21.58 -1.48 -11.89
C VAL A 90 -21.99 -0.16 -12.51
N PHE A 91 -22.30 0.82 -11.67
CA PHE A 91 -22.65 2.16 -12.16
C PHE A 91 -21.59 3.08 -11.63
N ASP A 92 -21.13 4.00 -12.47
CA ASP A 92 -20.11 4.95 -12.07
C ASP A 92 -20.83 6.11 -11.40
N VAL A 93 -20.53 6.38 -10.14
CA VAL A 93 -21.18 7.46 -9.40
C VAL A 93 -20.98 8.80 -10.07
N GLU A 94 -19.93 8.92 -10.88
CA GLU A 94 -19.63 10.17 -11.55
C GLU A 94 -20.20 10.24 -12.98
N SER A 95 -21.17 9.38 -13.29
CA SER A 95 -21.74 9.41 -14.62
C SER A 95 -22.65 10.58 -14.83
N THR A 96 -22.83 10.93 -16.09
CA THR A 96 -23.72 12.01 -16.46
C THR A 96 -24.91 11.30 -17.08
N GLU A 97 -24.62 10.29 -17.89
CA GLU A 97 -25.65 9.48 -18.54
C GLU A 97 -26.22 8.46 -17.56
N VAL A 98 -26.73 8.95 -16.42
CA VAL A 98 -27.28 8.08 -15.38
C VAL A 98 -28.50 7.32 -15.88
N LEU A 99 -29.42 8.05 -16.52
CA LEU A 99 -30.66 7.47 -17.04
C LEU A 99 -30.40 6.39 -18.08
N LYS A 100 -29.39 6.62 -18.91
CA LYS A 100 -29.05 5.63 -19.91
C LYS A 100 -28.35 4.52 -19.15
N ASP A 101 -27.47 4.90 -18.22
CA ASP A 101 -26.74 3.94 -17.42
C ASP A 101 -27.72 2.89 -16.90
N ILE A 102 -28.89 3.37 -16.45
CA ILE A 102 -29.92 2.49 -15.93
C ILE A 102 -30.65 1.72 -17.04
N GLU A 103 -30.90 2.36 -18.17
CA GLU A 103 -31.58 1.64 -19.24
C GLU A 103 -30.77 0.39 -19.57
N ILE A 104 -29.50 0.58 -19.91
CA ILE A 104 -28.61 -0.53 -20.24
C ILE A 104 -28.74 -1.64 -19.21
N PHE A 105 -28.85 -1.25 -17.96
CA PHE A 105 -28.99 -2.20 -16.87
C PHE A 105 -30.26 -3.05 -17.12
N ALA A 106 -31.36 -2.39 -17.45
CA ALA A 106 -32.59 -3.12 -17.72
C ALA A 106 -32.29 -4.07 -18.87
N LYS A 107 -31.73 -3.53 -19.96
CA LYS A 107 -31.38 -4.34 -21.12
C LYS A 107 -30.75 -5.65 -20.67
N ALA A 108 -29.80 -5.55 -19.76
CA ALA A 108 -29.12 -6.73 -19.23
C ALA A 108 -30.13 -7.62 -18.49
N LEU A 109 -30.96 -7.02 -17.65
CA LEU A 109 -31.96 -7.79 -16.92
C LEU A 109 -32.88 -8.53 -17.89
N LYS A 110 -33.22 -7.88 -19.01
CA LYS A 110 -34.09 -8.52 -19.99
C LYS A 110 -33.46 -9.83 -20.41
N GLN A 111 -32.22 -9.74 -20.88
CA GLN A 111 -31.51 -10.92 -21.33
C GLN A 111 -31.30 -11.95 -20.24
N LEU A 112 -31.38 -11.54 -18.98
CA LEU A 112 -31.20 -12.47 -17.87
C LEU A 112 -32.56 -13.06 -17.47
N ARG A 113 -33.56 -12.21 -17.32
CA ARG A 113 -34.91 -12.65 -16.92
C ARG A 113 -35.30 -13.80 -17.82
N LYS A 114 -34.58 -13.90 -18.93
CA LYS A 114 -34.85 -14.92 -19.92
C LYS A 114 -33.90 -16.10 -20.00
N TYR A 115 -32.58 -15.88 -20.07
CA TYR A 115 -31.64 -17.01 -20.16
C TYR A 115 -31.08 -17.59 -18.86
N SER A 116 -31.14 -16.83 -17.77
CA SER A 116 -30.65 -17.27 -16.45
C SER A 116 -31.45 -16.55 -15.37
N PRO A 117 -32.77 -16.83 -15.29
CA PRO A 117 -33.69 -16.21 -14.33
C PRO A 117 -33.41 -16.34 -12.84
N ASP A 118 -32.71 -17.38 -12.42
CA ASP A 118 -32.43 -17.55 -11.01
C ASP A 118 -31.09 -17.00 -10.60
N ALA A 119 -30.48 -16.24 -11.50
CA ALA A 119 -29.18 -15.64 -11.23
C ALA A 119 -29.38 -14.58 -10.15
N LYS A 120 -28.34 -14.34 -9.37
CA LYS A 120 -28.40 -13.34 -8.31
C LYS A 120 -27.99 -11.97 -8.85
N ILE A 121 -28.71 -10.93 -8.43
CA ILE A 121 -28.38 -9.59 -8.91
C ILE A 121 -27.69 -8.80 -7.83
N PHE A 122 -26.58 -8.18 -8.22
CA PHE A 122 -25.75 -7.37 -7.34
C PHE A 122 -25.38 -6.10 -8.09
N VAL A 123 -25.59 -4.96 -7.43
CA VAL A 123 -25.25 -3.69 -8.03
C VAL A 123 -24.23 -2.97 -7.16
N LEU A 124 -23.33 -2.24 -7.82
CA LEU A 124 -22.29 -1.48 -7.12
C LEU A 124 -22.21 -0.03 -7.60
N LEU A 125 -22.33 0.91 -6.66
CA LEU A 125 -22.22 2.32 -6.99
C LEU A 125 -20.74 2.62 -6.75
N HIS A 126 -19.95 2.40 -7.80
CA HIS A 126 -18.52 2.56 -7.72
C HIS A 126 -17.99 3.98 -7.80
N LYS A 127 -16.80 4.17 -7.26
CA LYS A 127 -16.13 5.47 -7.25
C LYS A 127 -16.76 6.42 -6.25
N MET A 128 -17.32 5.87 -5.18
CA MET A 128 -17.95 6.68 -4.15
C MET A 128 -16.94 7.60 -3.48
N ASP A 129 -15.65 7.43 -3.81
CA ASP A 129 -14.58 8.25 -3.23
C ASP A 129 -14.52 9.65 -3.85
N LEU A 130 -15.26 9.83 -4.94
CA LEU A 130 -15.32 11.12 -5.64
C LEU A 130 -16.43 12.03 -5.05
N VAL A 131 -17.43 11.42 -4.42
CA VAL A 131 -18.53 12.17 -3.84
C VAL A 131 -18.14 12.71 -2.47
N GLN A 132 -18.70 13.87 -2.10
CA GLN A 132 -18.39 14.43 -0.80
C GLN A 132 -19.18 13.68 0.27
N LEU A 133 -18.55 13.45 1.42
CA LEU A 133 -19.19 12.70 2.49
C LEU A 133 -20.64 13.02 2.84
N ASP A 134 -20.95 14.29 3.07
CA ASP A 134 -22.32 14.64 3.40
C ASP A 134 -23.33 14.11 2.37
N LYS A 135 -22.90 13.91 1.12
CA LYS A 135 -23.78 13.43 0.03
C LYS A 135 -23.78 11.93 -0.22
N ARG A 136 -22.63 11.29 0.01
CA ARG A 136 -22.49 9.87 -0.25
C ARG A 136 -23.62 8.96 0.18
N GLU A 137 -24.40 9.35 1.19
CA GLU A 137 -25.45 8.46 1.62
C GLU A 137 -26.78 8.62 0.93
N GLU A 138 -27.32 9.84 0.92
CA GLU A 138 -28.61 10.03 0.28
C GLU A 138 -28.57 9.65 -1.19
N LEU A 139 -27.42 9.84 -1.84
CA LEU A 139 -27.30 9.54 -3.27
C LEU A 139 -27.42 8.05 -3.47
N PHE A 140 -26.83 7.31 -2.54
CA PHE A 140 -26.89 5.87 -2.60
C PHE A 140 -28.35 5.50 -2.40
N GLN A 141 -28.93 5.96 -1.29
CA GLN A 141 -30.34 5.71 -0.99
C GLN A 141 -31.16 5.98 -2.26
N ILE A 142 -31.05 7.20 -2.80
CA ILE A 142 -31.79 7.56 -4.02
C ILE A 142 -31.54 6.54 -5.13
N MET A 143 -30.28 6.30 -5.48
CA MET A 143 -29.97 5.36 -6.57
C MET A 143 -30.48 3.95 -6.31
N MET A 144 -30.29 3.42 -5.10
CA MET A 144 -30.78 2.07 -4.83
C MET A 144 -32.29 2.03 -4.95
N LYS A 145 -32.94 3.10 -4.54
CA LYS A 145 -34.39 3.16 -4.63
C LYS A 145 -34.81 2.91 -6.08
N ASN A 146 -34.30 3.70 -7.00
CA ASN A 146 -34.65 3.54 -8.40
C ASN A 146 -34.26 2.17 -8.88
N LEU A 147 -32.99 1.80 -8.72
CA LEU A 147 -32.51 0.51 -9.20
C LEU A 147 -33.37 -0.64 -8.71
N SER A 148 -33.84 -0.56 -7.47
CA SER A 148 -34.66 -1.61 -6.91
C SER A 148 -35.92 -1.82 -7.71
N GLU A 149 -36.61 -0.75 -8.08
CA GLU A 149 -37.85 -0.88 -8.83
C GLU A 149 -37.64 -1.46 -10.21
N THR A 150 -36.59 -1.01 -10.89
CA THR A 150 -36.27 -1.51 -12.24
C THR A 150 -35.98 -2.99 -12.09
N SER A 151 -35.14 -3.33 -11.14
CA SER A 151 -34.78 -4.73 -10.90
C SER A 151 -36.04 -5.58 -10.67
N SER A 152 -36.97 -5.02 -9.92
CA SER A 152 -38.19 -5.71 -9.58
C SER A 152 -39.04 -6.10 -10.78
N GLU A 153 -39.15 -5.20 -11.75
CA GLU A 153 -39.97 -5.47 -12.93
C GLU A 153 -39.41 -6.51 -13.93
N PHE A 154 -38.13 -6.85 -13.83
CA PHE A 154 -37.57 -7.84 -14.75
C PHE A 154 -37.43 -9.19 -14.07
N GLY A 155 -38.21 -9.40 -13.02
CA GLY A 155 -38.17 -10.65 -12.30
C GLY A 155 -37.55 -10.52 -10.93
N PHE A 156 -36.25 -10.23 -10.93
CA PHE A 156 -35.44 -10.06 -9.73
C PHE A 156 -35.93 -8.94 -8.80
N PRO A 157 -36.77 -9.30 -7.80
CA PRO A 157 -37.32 -8.34 -6.84
C PRO A 157 -36.28 -7.64 -5.98
N ASN A 158 -35.92 -8.33 -4.90
CA ASN A 158 -34.97 -7.82 -3.94
C ASN A 158 -33.56 -8.09 -4.41
N LEU A 159 -32.80 -7.02 -4.64
CA LEU A 159 -31.42 -7.15 -5.04
C LEU A 159 -30.62 -6.50 -3.93
N ILE A 160 -29.30 -6.74 -3.92
CA ILE A 160 -28.43 -6.17 -2.92
C ILE A 160 -27.60 -5.03 -3.51
N GLY A 161 -27.33 -4.01 -2.69
CA GLY A 161 -26.55 -2.87 -3.16
C GLY A 161 -25.30 -2.66 -2.33
N PHE A 162 -24.29 -2.04 -2.93
CA PHE A 162 -23.04 -1.80 -2.24
C PHE A 162 -22.32 -0.58 -2.77
N PRO A 163 -22.01 0.37 -1.89
CA PRO A 163 -21.30 1.57 -2.34
C PRO A 163 -19.82 1.23 -2.32
N THR A 164 -19.13 1.38 -3.45
CA THR A 164 -17.71 1.01 -3.48
C THR A 164 -16.71 2.01 -4.08
N SER A 165 -15.46 1.81 -3.65
CA SER A 165 -14.30 2.59 -4.07
C SER A 165 -13.02 1.77 -3.92
N ILE A 166 -12.15 1.84 -4.92
CA ILE A 166 -10.90 1.10 -4.89
C ILE A 166 -9.96 1.73 -3.88
N TRP A 167 -10.34 2.89 -3.35
CA TRP A 167 -9.48 3.57 -2.41
C TRP A 167 -9.70 3.32 -0.93
N ASP A 168 -10.67 2.47 -0.59
CA ASP A 168 -10.94 2.10 0.81
C ASP A 168 -11.31 0.64 0.87
N GLU A 169 -11.83 0.20 2.01
CA GLU A 169 -12.20 -1.21 2.16
C GLU A 169 -13.62 -1.55 1.70
N SER A 170 -14.41 -0.53 1.39
CA SER A 170 -15.79 -0.78 0.99
C SER A 170 -15.89 -1.74 -0.19
N LEU A 171 -14.78 -1.91 -0.89
CA LEU A 171 -14.74 -2.79 -2.06
C LEU A 171 -14.71 -4.25 -1.62
N TYR A 172 -14.02 -4.52 -0.52
CA TYR A 172 -13.91 -5.88 -0.02
C TYR A 172 -15.22 -6.41 0.56
N LYS A 173 -15.95 -5.54 1.27
CA LYS A 173 -17.21 -5.95 1.87
C LYS A 173 -18.13 -6.45 0.78
N ALA A 174 -18.24 -5.66 -0.29
CA ALA A 174 -19.11 -6.03 -1.40
C ALA A 174 -18.71 -7.36 -1.99
N TRP A 175 -17.46 -7.48 -2.42
CA TRP A 175 -16.99 -8.72 -3.02
C TRP A 175 -16.95 -9.91 -2.08
N SER A 176 -16.95 -9.67 -0.77
CA SER A 176 -16.97 -10.78 0.18
C SER A 176 -18.37 -11.36 0.14
N GLN A 177 -19.36 -10.52 0.38
CA GLN A 177 -20.75 -10.94 0.37
C GLN A 177 -21.15 -11.57 -0.95
N ILE A 178 -20.65 -11.03 -2.05
CA ILE A 178 -20.95 -11.57 -3.38
C ILE A 178 -20.43 -13.01 -3.49
N VAL A 179 -19.14 -13.18 -3.22
CA VAL A 179 -18.55 -14.51 -3.27
C VAL A 179 -19.10 -15.43 -2.17
N CYS A 180 -19.50 -14.87 -1.03
CA CYS A 180 -20.06 -15.69 0.06
C CYS A 180 -21.45 -16.19 -0.30
N SER A 181 -21.89 -15.89 -1.52
CA SER A 181 -23.22 -16.30 -1.97
C SER A 181 -23.10 -17.59 -2.78
N LEU A 182 -21.91 -17.82 -3.34
CA LEU A 182 -21.67 -19.01 -4.14
C LEU A 182 -21.07 -20.15 -3.32
N ILE A 183 -20.84 -19.90 -2.05
CA ILE A 183 -20.29 -20.93 -1.20
C ILE A 183 -21.49 -21.68 -0.65
N PRO A 184 -21.53 -23.00 -0.91
CA PRO A 184 -22.62 -23.87 -0.48
C PRO A 184 -22.50 -24.33 0.97
N ASN A 185 -21.32 -24.84 1.28
CA ASN A 185 -21.04 -25.37 2.60
C ASN A 185 -20.66 -24.37 3.68
N MET A 186 -21.59 -23.54 4.16
CA MET A 186 -21.18 -22.60 5.19
C MET A 186 -21.62 -23.06 6.58
N SER A 187 -22.61 -23.95 6.62
CA SER A 187 -23.11 -24.44 7.90
C SER A 187 -21.94 -25.08 8.67
N ASN A 188 -21.22 -25.98 8.00
CA ASN A 188 -20.10 -26.68 8.60
C ASN A 188 -18.93 -25.78 8.96
N HIS A 189 -18.66 -24.78 8.13
CA HIS A 189 -17.55 -23.87 8.42
C HIS A 189 -17.74 -23.06 9.71
N GLN A 190 -18.88 -22.39 9.86
CA GLN A 190 -19.15 -21.62 11.09
C GLN A 190 -19.15 -22.61 12.24
N SER A 191 -19.84 -23.72 12.06
CA SER A 191 -19.93 -24.76 13.09
C SER A 191 -18.56 -25.20 13.55
N ASN A 192 -17.63 -25.35 12.61
CA ASN A 192 -16.27 -25.76 12.91
C ASN A 192 -15.56 -24.56 13.50
N LEU A 193 -15.90 -23.37 13.01
CA LEU A 193 -15.30 -22.14 13.48
C LEU A 193 -15.70 -21.88 14.93
N LYS A 194 -17.00 -21.97 15.21
CA LYS A 194 -17.54 -21.75 16.56
C LYS A 194 -16.79 -22.61 17.57
N LYS A 195 -16.55 -23.86 17.20
CA LYS A 195 -15.84 -24.78 18.08
C LYS A 195 -14.39 -24.34 18.24
N PHE A 196 -13.79 -23.90 17.15
CA PHE A 196 -12.42 -23.42 17.17
C PHE A 196 -12.40 -22.32 18.20
N LYS A 197 -13.33 -21.38 18.05
CA LYS A 197 -13.45 -20.27 18.98
C LYS A 197 -13.30 -20.76 20.42
N GLU A 198 -14.25 -21.58 20.88
CA GLU A 198 -14.20 -22.09 22.25
C GLU A 198 -12.92 -22.81 22.67
N ILE A 199 -12.31 -23.60 21.79
CA ILE A 199 -11.07 -24.28 22.17
C ILE A 199 -9.93 -23.28 22.30
N MET A 200 -10.13 -22.09 21.75
CA MET A 200 -9.14 -21.02 21.81
C MET A 200 -9.62 -20.00 22.82
N ASN A 201 -10.90 -20.09 23.17
CA ASN A 201 -11.49 -19.18 24.11
C ASN A 201 -11.12 -17.78 23.62
N ALA A 202 -11.30 -17.55 22.32
CA ALA A 202 -10.97 -16.25 21.73
C ALA A 202 -12.17 -15.30 21.70
N LEU A 203 -11.87 -14.00 21.63
CA LEU A 203 -12.89 -12.97 21.57
C LEU A 203 -13.66 -13.24 20.31
N GLU A 204 -12.95 -13.69 19.28
CA GLU A 204 -13.56 -14.02 18.00
C GLU A 204 -12.53 -14.51 16.98
N ILE A 205 -13.01 -15.32 16.06
CA ILE A 205 -12.14 -15.85 15.01
C ILE A 205 -12.77 -15.61 13.64
N ILE A 206 -11.94 -15.23 12.69
CA ILE A 206 -12.45 -14.97 11.35
C ILE A 206 -11.74 -15.87 10.35
N LEU A 207 -12.43 -16.15 9.26
CA LEU A 207 -11.90 -16.97 8.20
C LEU A 207 -11.75 -16.14 6.92
N PHE A 208 -10.58 -16.22 6.30
CA PHE A 208 -10.33 -15.48 5.07
C PHE A 208 -9.83 -16.44 4.00
N GLU A 209 -10.12 -16.15 2.73
CA GLU A 209 -9.64 -16.96 1.63
C GLU A 209 -8.17 -16.54 1.47
N ARG A 210 -7.27 -17.50 1.58
CA ARG A 210 -5.84 -17.21 1.48
C ARG A 210 -5.41 -16.25 0.37
N THR A 211 -5.91 -16.49 -0.84
CA THR A 211 -5.57 -15.70 -2.03
C THR A 211 -6.07 -14.26 -2.12
N THR A 212 -7.38 -14.08 -2.00
CA THR A 212 -8.01 -12.77 -2.09
C THR A 212 -8.09 -12.03 -0.75
N PHE A 213 -8.12 -12.81 0.32
CA PHE A 213 -8.23 -12.32 1.69
C PHE A 213 -9.63 -11.77 1.96
N LEU A 214 -10.63 -12.36 1.30
CA LEU A 214 -12.02 -11.98 1.51
C LEU A 214 -12.53 -12.78 2.70
N VAL A 215 -13.50 -12.23 3.42
CA VAL A 215 -14.04 -12.91 4.58
C VAL A 215 -14.99 -14.02 4.16
N ILE A 216 -14.87 -15.18 4.82
CA ILE A 216 -15.76 -16.30 4.54
C ILE A 216 -16.83 -16.41 5.62
N CYS A 217 -16.42 -16.26 6.87
CA CYS A 217 -17.34 -16.30 8.00
C CYS A 217 -16.61 -15.95 9.29
N SER A 218 -17.36 -15.85 10.39
CA SER A 218 -16.77 -15.52 11.68
C SER A 218 -17.56 -16.10 12.87
N SER A 219 -17.10 -15.79 14.08
CA SER A 219 -17.75 -16.26 15.30
C SER A 219 -17.30 -15.39 16.47
N ASN A 220 -18.23 -14.60 17.02
CA ASN A 220 -17.90 -13.74 18.15
C ASN A 220 -18.28 -14.40 19.48
N LEU A 237 -20.42 -2.11 19.73
CA LEU A 237 -19.11 -2.28 20.36
C LEU A 237 -17.97 -2.24 19.34
N LEU A 238 -17.74 -3.36 18.66
CA LEU A 238 -16.66 -3.45 17.66
C LEU A 238 -17.02 -3.02 16.23
N ASP A 239 -16.10 -2.31 15.61
CA ASP A 239 -16.26 -1.80 14.24
C ASP A 239 -17.00 -2.81 13.38
N PRO A 240 -18.12 -2.38 12.74
CA PRO A 240 -18.91 -3.26 11.88
C PRO A 240 -18.18 -3.57 10.57
N LYS A 241 -17.35 -2.63 10.13
CA LYS A 241 -16.56 -2.75 8.91
C LYS A 241 -15.20 -3.36 9.25
N ARG A 242 -15.05 -3.86 10.46
CA ARG A 242 -13.77 -4.42 10.85
C ARG A 242 -13.33 -5.51 9.89
N PHE A 243 -14.26 -6.35 9.46
CA PHE A 243 -13.95 -7.44 8.54
C PHE A 243 -13.21 -6.99 7.28
N GLU A 244 -13.76 -6.00 6.58
CA GLU A 244 -13.15 -5.51 5.35
C GLU A 244 -11.86 -4.75 5.62
N LYS A 245 -11.84 -4.01 6.72
CA LYS A 245 -10.66 -3.26 7.07
C LYS A 245 -9.50 -4.20 7.29
N ILE A 246 -9.80 -5.43 7.71
CA ILE A 246 -8.78 -6.44 7.91
C ILE A 246 -8.34 -6.90 6.52
N SER A 247 -9.29 -7.26 5.69
CA SER A 247 -8.99 -7.68 4.33
C SER A 247 -8.05 -6.65 3.72
N ASN A 248 -8.51 -5.41 3.66
CA ASN A 248 -7.74 -4.31 3.08
C ASN A 248 -6.32 -4.18 3.63
N ILE A 249 -6.18 -4.08 4.94
CA ILE A 249 -4.85 -3.92 5.51
C ILE A 249 -3.88 -5.06 5.18
N MET A 250 -4.33 -6.30 5.35
CA MET A 250 -3.51 -7.47 5.06
C MET A 250 -3.14 -7.52 3.57
N LYS A 251 -4.06 -7.09 2.73
CA LYS A 251 -3.80 -7.07 1.30
C LYS A 251 -2.77 -5.99 1.00
N ASN A 252 -2.75 -4.94 1.82
CA ASN A 252 -1.79 -3.86 1.64
C ASN A 252 -0.42 -4.31 2.11
N PHE A 253 -0.43 -5.25 3.06
CA PHE A 253 0.78 -5.81 3.60
C PHE A 253 1.27 -6.75 2.52
N LYS A 254 0.34 -7.54 2.02
CA LYS A 254 0.64 -8.48 0.95
C LYS A 254 1.51 -7.82 -0.12
N GLN A 255 1.09 -6.62 -0.53
CA GLN A 255 1.76 -5.86 -1.57
C GLN A 255 3.05 -5.14 -1.19
N SER A 256 3.34 -5.01 0.09
CA SER A 256 4.59 -4.36 0.44
C SER A 256 5.62 -5.50 0.57
N CYS A 257 5.09 -6.72 0.69
CA CYS A 257 5.90 -7.92 0.82
C CYS A 257 6.16 -8.50 -0.58
N THR A 258 6.04 -7.69 -1.61
CA THR A 258 6.28 -8.18 -2.95
C THR A 258 7.74 -8.52 -3.18
N LYS A 259 8.61 -7.55 -2.88
CA LYS A 259 10.04 -7.66 -3.07
C LYS A 259 10.66 -8.81 -2.34
N LEU A 260 10.11 -9.16 -1.20
CA LEU A 260 10.62 -10.28 -0.43
C LEU A 260 10.19 -11.56 -1.16
N LYS A 261 9.31 -11.39 -2.16
CA LYS A 261 8.79 -12.49 -2.99
C LYS A 261 8.54 -13.77 -2.23
N SER A 262 7.74 -13.68 -1.19
CA SER A 262 7.39 -14.83 -0.40
C SER A 262 5.99 -14.51 0.05
N GLY A 263 5.16 -15.53 0.21
CA GLY A 263 3.81 -15.31 0.65
C GLY A 263 3.69 -15.19 2.15
N PHE A 264 2.56 -14.66 2.60
CA PHE A 264 2.31 -14.49 4.02
C PHE A 264 2.07 -15.81 4.73
N LYS A 265 2.82 -16.08 5.79
CA LYS A 265 2.61 -17.32 6.53
C LYS A 265 1.93 -17.02 7.85
N THR A 266 2.59 -16.25 8.70
CA THR A 266 2.00 -15.91 9.98
C THR A 266 2.36 -14.53 10.50
N LEU A 267 1.65 -14.16 11.55
CA LEU A 267 1.83 -12.88 12.21
C LEU A 267 1.19 -12.90 13.58
N ILE A 268 1.91 -12.43 14.59
CA ILE A 268 1.36 -12.35 15.94
C ILE A 268 1.52 -10.89 16.38
N LEU A 269 0.43 -10.30 16.86
CA LEU A 269 0.44 -8.89 17.24
C LEU A 269 0.21 -8.71 18.74
N ASN A 270 1.26 -8.30 19.46
CA ASN A 270 1.16 -8.09 20.89
C ASN A 270 0.73 -9.31 21.68
N ASN A 271 1.11 -10.51 21.26
CA ASN A 271 0.71 -11.71 22.02
C ASN A 271 -0.84 -11.78 22.23
N ASN A 272 -1.60 -11.08 21.39
CA ASN A 272 -3.05 -11.02 21.51
C ASN A 272 -3.75 -11.42 20.20
N ILE A 273 -3.21 -10.98 19.07
CA ILE A 273 -3.80 -11.30 17.78
C ILE A 273 -2.89 -12.19 16.94
N TYR A 274 -3.41 -13.35 16.57
CA TYR A 274 -2.65 -14.33 15.79
C TYR A 274 -3.28 -14.55 14.42
N VAL A 275 -2.50 -14.39 13.37
CA VAL A 275 -3.03 -14.63 12.03
C VAL A 275 -2.14 -15.66 11.37
N SER A 276 -2.74 -16.80 11.06
CA SER A 276 -2.02 -17.90 10.43
C SER A 276 -2.76 -18.44 9.25
N GLU A 277 -2.01 -19.10 8.39
CA GLU A 277 -2.55 -19.74 7.20
C GLU A 277 -2.92 -21.13 7.70
N LEU A 278 -4.03 -21.68 7.24
CA LEU A 278 -4.44 -23.00 7.67
C LEU A 278 -4.15 -24.02 6.61
N SER A 279 -4.52 -23.69 5.39
CA SER A 279 -4.33 -24.55 4.24
C SER A 279 -4.05 -23.66 3.04
N SER A 280 -3.88 -24.26 1.87
CA SER A 280 -3.61 -23.49 0.68
C SER A 280 -4.85 -22.75 0.26
N ASN A 281 -5.86 -22.71 1.14
CA ASN A 281 -7.11 -22.04 0.84
C ASN A 281 -7.61 -21.06 1.90
N MET A 282 -7.49 -21.42 3.17
CA MET A 282 -7.99 -20.57 4.22
C MET A 282 -6.98 -20.03 5.21
N VAL A 283 -7.19 -18.80 5.65
CA VAL A 283 -6.34 -18.14 6.64
C VAL A 283 -7.26 -17.82 7.80
N CYS A 284 -6.75 -17.89 9.03
CA CYS A 284 -7.57 -17.58 10.18
C CYS A 284 -7.00 -16.37 10.93
N PHE A 285 -7.89 -15.66 11.61
CA PHE A 285 -7.54 -14.46 12.36
C PHE A 285 -8.16 -14.60 13.76
N ILE A 286 -7.32 -14.75 14.77
CA ILE A 286 -7.81 -14.89 16.12
C ILE A 286 -7.40 -13.78 17.08
N VAL A 287 -8.40 -13.12 17.66
CA VAL A 287 -8.15 -12.06 18.63
C VAL A 287 -8.37 -12.90 19.89
N LEU A 288 -7.31 -13.05 20.68
CA LEU A 288 -7.29 -13.96 21.84
C LEU A 288 -7.85 -13.80 23.25
N LYS A 289 -8.38 -12.64 23.63
CA LYS A 289 -8.96 -12.50 24.97
C LYS A 289 -7.99 -12.49 26.16
N ASP A 290 -6.71 -12.82 25.93
CA ASP A 290 -5.69 -12.81 26.99
C ASP A 290 -4.52 -11.93 26.55
N MET A 291 -3.35 -12.15 27.13
CA MET A 291 -2.16 -11.38 26.74
C MET A 291 -0.95 -12.29 26.74
N ASN A 292 -1.04 -13.39 27.49
CA ASN A 292 0.07 -14.34 27.54
C ASN A 292 -0.31 -15.79 27.84
N ILE A 293 -1.19 -16.36 27.02
CA ILE A 293 -1.54 -17.77 27.18
C ILE A 293 -0.24 -18.33 26.61
N PRO A 294 0.32 -19.39 27.22
CA PRO A 294 1.58 -19.90 26.64
C PRO A 294 1.54 -19.90 25.12
N GLN A 295 2.18 -18.89 24.50
CA GLN A 295 2.20 -18.79 23.05
C GLN A 295 2.25 -20.17 22.40
N GLU A 296 3.05 -21.06 22.99
CA GLU A 296 3.20 -22.41 22.48
C GLU A 296 1.89 -23.21 22.44
N LEU A 297 1.19 -23.28 23.57
CA LEU A 297 -0.06 -24.01 23.66
C LEU A 297 -1.19 -23.40 22.84
N VAL A 298 -0.98 -22.17 22.37
CA VAL A 298 -1.97 -21.48 21.55
C VAL A 298 -1.72 -21.89 20.11
N LEU A 299 -0.46 -21.97 19.74
CA LEU A 299 -0.06 -22.36 18.39
C LEU A 299 -0.50 -23.79 18.15
N GLU A 300 -0.26 -24.65 19.13
CA GLU A 300 -0.65 -26.04 19.00
C GLU A 300 -2.12 -26.13 18.59
N ASN A 301 -2.98 -25.36 19.26
CA ASN A 301 -4.41 -25.37 18.95
C ASN A 301 -4.60 -24.92 17.50
N ILE A 302 -3.68 -24.10 16.99
CA ILE A 302 -3.75 -23.63 15.62
C ILE A 302 -3.51 -24.81 14.67
N LYS A 303 -2.47 -25.61 14.91
CA LYS A 303 -2.15 -26.77 14.07
C LYS A 303 -3.22 -27.88 13.97
N LYS A 304 -4.11 -28.03 14.95
CA LYS A 304 -5.15 -29.04 14.86
C LYS A 304 -6.25 -28.46 14.00
N ALA A 305 -6.29 -27.15 13.94
CA ALA A 305 -7.32 -26.50 13.18
C ALA A 305 -7.16 -26.78 11.68
N LYS A 306 -5.93 -26.91 11.20
CA LYS A 306 -5.71 -27.18 9.78
C LYS A 306 -6.46 -28.41 9.33
N GLU A 307 -6.49 -29.42 10.20
CA GLU A 307 -7.18 -30.66 9.89
C GLU A 307 -8.52 -30.24 9.31
N PHE A 308 -9.34 -29.53 10.09
CA PHE A 308 -10.66 -29.13 9.60
C PHE A 308 -10.86 -27.96 8.62
N PHE A 309 -9.82 -27.21 8.24
CA PHE A 309 -10.00 -26.12 7.25
C PHE A 309 -9.04 -26.21 6.05
N GLN A 310 -9.17 -27.30 5.28
CA GLN A 310 -8.32 -27.52 4.13
C GLN A 310 -9.11 -27.39 2.83
N ALA B 5 11.42 33.82 9.19
CA ALA B 5 12.78 33.20 9.02
C ALA B 5 12.79 31.78 9.58
N THR B 6 13.88 31.04 9.35
CA THR B 6 13.98 29.67 9.85
C THR B 6 15.38 29.26 10.28
N ASP B 7 15.58 29.11 11.59
CA ASP B 7 16.90 28.70 12.06
C ASP B 7 16.95 27.17 12.07
N SER B 8 17.15 26.63 10.87
CA SER B 8 17.24 25.19 10.65
C SER B 8 18.70 24.78 10.48
N LYS B 9 18.94 23.48 10.57
CA LYS B 9 20.28 22.92 10.45
C LYS B 9 20.78 22.70 9.02
N ALA B 10 19.87 22.40 8.11
CA ALA B 10 20.23 22.18 6.71
C ALA B 10 19.34 23.03 5.84
N MET B 11 19.73 23.23 4.60
CA MET B 11 18.96 24.07 3.68
C MET B 11 18.78 23.45 2.30
N VAL B 12 17.84 22.51 2.18
CA VAL B 12 17.57 21.84 0.92
C VAL B 12 16.89 22.78 -0.08
N LEU B 13 17.20 22.60 -1.36
CA LEU B 13 16.62 23.43 -2.42
C LEU B 13 15.83 22.58 -3.42
N LEU B 14 14.57 22.94 -3.62
CA LEU B 14 13.71 22.23 -4.54
C LEU B 14 13.49 23.01 -5.82
N MET B 15 14.15 22.58 -6.89
CA MET B 15 14.01 23.25 -8.16
C MET B 15 13.38 22.36 -9.20
N GLY B 16 12.67 23.00 -10.12
CA GLY B 16 12.00 22.29 -11.20
C GLY B 16 11.03 23.21 -11.92
N VAL B 17 10.59 22.77 -13.10
CA VAL B 17 9.64 23.53 -13.91
C VAL B 17 8.32 23.62 -13.15
N ARG B 18 7.54 24.67 -13.41
CA ARG B 18 6.26 24.82 -12.73
C ARG B 18 5.41 23.53 -12.83
N ARG B 19 4.69 23.24 -11.74
CA ARG B 19 3.81 22.06 -11.63
C ARG B 19 4.54 20.71 -11.59
N CYS B 20 5.83 20.71 -11.24
CA CYS B 20 6.57 19.47 -11.14
C CYS B 20 6.16 18.78 -9.84
N GLY B 21 5.72 19.58 -8.86
CA GLY B 21 5.29 19.04 -7.59
C GLY B 21 6.11 19.55 -6.42
N LYS B 22 6.95 20.55 -6.69
CA LYS B 22 7.84 21.12 -5.69
C LYS B 22 7.18 21.69 -4.42
N SER B 23 5.91 22.09 -4.52
CA SER B 23 5.21 22.65 -3.36
C SER B 23 4.46 21.54 -2.62
N SER B 24 3.91 20.59 -3.38
CA SER B 24 3.19 19.45 -2.81
C SER B 24 4.18 18.67 -1.98
N ILE B 25 5.39 18.51 -2.53
CA ILE B 25 6.47 17.80 -1.88
C ILE B 25 6.87 18.47 -0.57
N CYS B 26 6.96 19.79 -0.57
CA CYS B 26 7.32 20.48 0.66
C CYS B 26 6.30 20.17 1.75
N LYS B 27 5.01 20.19 1.39
CA LYS B 27 3.93 19.93 2.34
C LYS B 27 4.06 18.55 2.99
N VAL B 28 4.25 17.51 2.18
CA VAL B 28 4.40 16.14 2.67
C VAL B 28 5.65 15.95 3.52
N VAL B 29 6.76 16.52 3.09
CA VAL B 29 8.01 16.38 3.83
C VAL B 29 8.08 17.15 5.14
N PHE B 30 7.84 18.46 5.09
CA PHE B 30 7.88 19.31 6.30
C PHE B 30 7.08 18.71 7.45
N HIS B 31 5.97 18.08 7.08
CA HIS B 31 5.07 17.44 8.03
C HIS B 31 5.72 16.21 8.68
N ASN B 32 6.18 15.28 7.84
CA ASN B 32 6.81 14.08 8.36
C ASN B 32 8.16 14.29 9.01
N MET B 33 8.77 15.46 8.81
CA MET B 33 10.07 15.70 9.44
C MET B 33 9.90 16.19 10.89
N GLN B 34 8.67 16.51 11.28
CA GLN B 34 8.42 16.98 12.64
C GLN B 34 8.90 16.01 13.71
N PRO B 35 8.51 14.73 13.62
CA PRO B 35 8.93 13.73 14.62
C PRO B 35 10.43 13.69 14.83
N LEU B 36 11.17 14.00 13.76
CA LEU B 36 12.62 14.01 13.80
C LEU B 36 13.13 15.32 14.37
N ASP B 37 12.68 16.44 13.81
CA ASP B 37 13.08 17.75 14.30
C ASP B 37 12.89 17.70 15.80
N THR B 38 11.80 17.05 16.21
CA THR B 38 11.48 16.89 17.62
C THR B 38 12.54 16.01 18.26
N LEU B 39 12.57 14.76 17.81
CA LEU B 39 13.50 13.77 18.32
C LEU B 39 14.94 14.22 18.46
N TYR B 40 15.58 14.62 17.35
CA TYR B 40 16.99 15.05 17.39
C TYR B 40 17.29 16.39 18.05
N LEU B 41 16.25 17.20 18.26
CA LEU B 41 16.38 18.51 18.89
C LEU B 41 16.18 18.49 20.41
N GLU B 42 15.29 17.65 20.96
CA GLU B 42 15.19 17.57 22.43
C GLU B 42 14.89 16.19 23.01
N SER B 43 14.14 15.35 22.29
CA SER B 43 13.88 13.98 22.78
C SER B 43 15.24 13.53 23.29
N THR B 44 16.24 13.77 22.44
CA THR B 44 17.64 13.49 22.74
C THR B 44 18.36 14.66 22.10
N SER B 45 18.95 15.55 22.90
CA SER B 45 19.68 16.68 22.33
C SER B 45 21.12 16.63 22.82
N ASN B 46 22.04 16.38 21.89
CA ASN B 46 23.42 16.26 22.29
C ASN B 46 24.37 17.10 21.46
N PRO B 47 24.61 16.69 20.20
CA PRO B 47 25.55 17.54 19.45
C PRO B 47 25.24 18.99 19.78
N SER B 48 26.20 19.70 20.35
CA SER B 48 25.97 21.09 20.67
C SER B 48 25.42 21.69 19.38
N LEU B 49 25.76 21.04 18.26
CA LEU B 49 25.34 21.46 16.93
C LEU B 49 23.84 21.28 16.73
N GLU B 50 23.16 20.73 17.74
CA GLU B 50 21.74 20.48 17.62
C GLU B 50 20.77 21.49 18.15
N HIS B 51 21.14 22.24 19.17
CA HIS B 51 20.18 23.20 19.66
C HIS B 51 19.96 24.23 18.55
N PHE B 52 19.04 23.84 17.67
CA PHE B 52 18.58 24.57 16.48
C PHE B 52 17.06 24.56 16.56
N SER B 53 16.39 25.11 15.56
CA SER B 53 14.93 25.09 15.60
C SER B 53 14.43 23.79 14.98
N THR B 54 14.75 23.58 13.71
CA THR B 54 14.36 22.36 13.02
C THR B 54 15.54 21.86 12.20
N LEU B 55 15.55 20.57 11.91
CA LEU B 55 16.65 19.96 11.16
C LEU B 55 16.88 20.50 9.76
N ILE B 56 15.85 20.50 8.93
CA ILE B 56 15.99 21.00 7.57
C ILE B 56 15.01 22.12 7.28
N ASP B 57 15.03 22.58 6.02
CA ASP B 57 14.16 23.65 5.55
C ASP B 57 14.23 23.62 4.03
N LEU B 58 13.13 23.25 3.40
CA LEU B 58 13.06 23.15 1.95
C LEU B 58 12.72 24.47 1.22
N ALA B 59 13.73 25.10 0.64
CA ALA B 59 13.53 26.34 -0.12
C ALA B 59 13.42 25.99 -1.60
N VAL B 60 12.27 26.24 -2.20
CA VAL B 60 12.06 25.91 -3.61
C VAL B 60 12.33 27.03 -4.63
N MET B 61 12.74 26.63 -5.83
CA MET B 61 13.06 27.53 -6.94
C MET B 61 12.32 27.08 -8.20
N GLU B 62 11.68 28.03 -8.87
CA GLU B 62 10.92 27.71 -10.08
C GLU B 62 11.85 27.72 -11.28
N LEU B 63 11.72 26.73 -12.14
CA LEU B 63 12.57 26.64 -13.33
C LEU B 63 11.82 26.79 -14.66
N PRO B 64 12.18 27.82 -15.46
CA PRO B 64 11.57 28.11 -16.75
C PRO B 64 11.83 27.04 -17.78
N GLY B 65 10.79 26.68 -18.52
CA GLY B 65 10.91 25.66 -19.56
C GLY B 65 12.31 25.40 -20.05
N GLN B 66 12.97 26.43 -20.59
CA GLN B 66 14.33 26.26 -21.07
C GLN B 66 15.22 27.34 -20.50
N LEU B 67 16.38 26.92 -20.01
CA LEU B 67 17.34 27.85 -19.43
C LEU B 67 18.30 28.47 -20.45
N ASN B 68 17.89 28.51 -21.72
CA ASN B 68 18.74 29.14 -22.74
C ASN B 68 18.62 30.64 -22.61
N TYR B 69 17.42 31.13 -22.86
CA TYR B 69 17.18 32.56 -22.78
C TYR B 69 17.58 33.15 -21.43
N PHE B 70 17.94 32.29 -20.48
CA PHE B 70 18.39 32.78 -19.19
C PHE B 70 19.21 31.82 -18.35
N GLU B 71 20.07 32.39 -17.52
CA GLU B 71 20.91 31.62 -16.61
C GLU B 71 20.86 32.31 -15.24
N PRO B 72 21.13 31.57 -14.17
CA PRO B 72 21.09 32.10 -12.80
C PRO B 72 21.87 33.38 -12.51
N SER B 73 21.21 34.33 -11.87
CA SER B 73 21.86 35.57 -11.47
C SER B 73 22.55 35.26 -10.15
N TYR B 74 23.26 36.25 -9.62
CA TYR B 74 24.04 36.12 -8.40
C TYR B 74 23.29 35.72 -7.14
N ASP B 75 22.15 36.35 -6.87
CA ASP B 75 21.39 36.04 -5.67
C ASP B 75 21.10 34.54 -5.56
N SER B 76 20.91 33.90 -6.71
CA SER B 76 20.65 32.48 -6.72
C SER B 76 21.91 31.76 -6.21
N GLU B 77 23.06 32.13 -6.79
CA GLU B 77 24.35 31.56 -6.43
C GLU B 77 24.59 31.71 -4.93
N ARG B 78 24.42 32.91 -4.39
CA ARG B 78 24.65 33.09 -2.98
C ARG B 78 23.79 32.07 -2.21
N LEU B 79 22.63 31.69 -2.77
CA LEU B 79 21.76 30.70 -2.16
C LEU B 79 22.40 29.31 -2.31
N PHE B 80 22.75 28.96 -3.54
CA PHE B 80 23.39 27.68 -3.72
C PHE B 80 24.38 27.36 -2.60
N LYS B 81 25.23 28.32 -2.24
CA LYS B 81 26.21 28.03 -1.20
C LYS B 81 25.55 27.69 0.14
N SER B 82 24.58 28.50 0.55
CA SER B 82 23.84 28.30 1.80
C SER B 82 23.15 26.94 1.76
N VAL B 83 22.73 26.53 0.57
CA VAL B 83 22.06 25.25 0.38
C VAL B 83 23.00 24.07 0.56
N GLY B 84 22.56 23.08 1.30
CA GLY B 84 23.39 21.91 1.53
C GLY B 84 23.12 20.83 0.50
N ALA B 85 21.86 20.71 0.11
CA ALA B 85 21.50 19.71 -0.87
C ALA B 85 20.68 20.35 -1.97
N LEU B 86 20.69 19.72 -3.12
CA LEU B 86 19.97 20.19 -4.30
C LEU B 86 19.14 19.03 -4.83
N VAL B 87 17.82 19.22 -4.79
CA VAL B 87 16.89 18.21 -5.26
C VAL B 87 16.25 18.69 -6.56
N TYR B 88 16.45 17.93 -7.63
CA TYR B 88 15.89 18.27 -8.93
C TYR B 88 14.69 17.37 -9.22
N VAL B 89 13.53 17.98 -9.46
CA VAL B 89 12.29 17.25 -9.73
C VAL B 89 11.94 17.11 -11.21
N ILE B 90 12.17 15.92 -11.76
CA ILE B 90 11.84 15.67 -13.15
C ILE B 90 10.42 15.11 -13.26
N ASP B 91 9.49 15.94 -13.71
CA ASP B 91 8.09 15.54 -13.87
C ASP B 91 8.06 14.42 -14.92
N SER B 92 7.79 13.19 -14.51
CA SER B 92 7.79 12.05 -15.45
C SER B 92 6.56 11.96 -16.37
N GLN B 93 5.55 12.78 -16.09
CA GLN B 93 4.32 12.80 -16.88
C GLN B 93 4.62 13.10 -18.35
N ASP B 94 5.57 13.99 -18.58
CA ASP B 94 5.95 14.42 -19.93
C ASP B 94 7.34 13.95 -20.34
N GLU B 95 7.84 14.51 -21.45
CA GLU B 95 9.18 14.16 -21.91
C GLU B 95 10.18 14.84 -21.01
N TYR B 96 11.40 14.33 -20.97
CA TYR B 96 12.39 14.85 -20.06
C TYR B 96 13.81 15.05 -20.59
N ILE B 97 13.97 15.15 -21.90
CA ILE B 97 15.32 15.32 -22.43
C ILE B 97 15.90 16.70 -22.20
N ASN B 98 15.11 17.73 -22.46
CA ASN B 98 15.60 19.08 -22.25
C ASN B 98 15.73 19.35 -20.74
N ALA B 99 15.06 18.52 -19.94
CA ALA B 99 15.13 18.66 -18.48
C ALA B 99 16.46 18.07 -18.03
N ILE B 100 16.86 16.92 -18.61
CA ILE B 100 18.13 16.29 -18.27
C ILE B 100 19.26 17.24 -18.65
N THR B 101 18.96 18.11 -19.60
CA THR B 101 19.87 19.13 -20.09
C THR B 101 20.06 20.24 -19.04
N ASN B 102 18.96 20.87 -18.65
CA ASN B 102 19.00 21.93 -17.66
C ASN B 102 19.56 21.45 -16.33
N LEU B 103 19.62 20.13 -16.14
CA LEU B 103 20.16 19.57 -14.90
C LEU B 103 21.69 19.63 -14.97
N ALA B 104 22.25 19.27 -16.12
CA ALA B 104 23.70 19.34 -16.28
C ALA B 104 24.12 20.78 -16.00
N MET B 105 23.33 21.73 -16.49
CA MET B 105 23.63 23.14 -16.27
C MET B 105 23.57 23.49 -14.80
N ILE B 106 22.43 23.26 -14.16
CA ILE B 106 22.27 23.57 -12.75
C ILE B 106 23.38 22.92 -11.91
N ILE B 107 23.88 21.78 -12.36
CA ILE B 107 24.96 21.11 -11.64
C ILE B 107 26.26 21.88 -11.82
N GLU B 108 26.81 21.84 -13.04
CA GLU B 108 28.07 22.53 -13.33
C GLU B 108 28.13 23.91 -12.68
N TYR B 109 27.07 24.68 -12.85
CA TYR B 109 27.04 26.02 -12.29
C TYR B 109 27.08 26.00 -10.76
N ALA B 110 26.23 25.16 -10.16
CA ALA B 110 26.17 25.06 -8.70
C ALA B 110 27.49 24.56 -8.12
N TYR B 111 28.02 23.52 -8.75
CA TYR B 111 29.25 22.85 -8.34
C TYR B 111 30.49 23.71 -8.30
N LYS B 112 30.58 24.70 -9.17
CA LYS B 112 31.76 25.58 -9.19
C LYS B 112 31.74 26.39 -7.92
N VAL B 113 30.55 26.90 -7.63
CA VAL B 113 30.26 27.76 -6.49
C VAL B 113 30.23 27.08 -5.12
N ASN B 114 29.79 25.82 -5.07
CA ASN B 114 29.67 25.08 -3.81
C ASN B 114 29.76 23.59 -4.01
N PRO B 115 30.97 23.09 -4.37
CA PRO B 115 31.10 21.64 -4.56
C PRO B 115 30.81 21.03 -3.20
N SER B 116 30.94 19.72 -3.05
CA SER B 116 30.65 19.12 -1.76
C SER B 116 29.14 19.24 -1.53
N ILE B 117 28.46 19.69 -2.58
CA ILE B 117 27.02 19.85 -2.55
C ILE B 117 26.42 18.48 -2.89
N ASN B 118 25.29 18.17 -2.26
CA ASN B 118 24.57 16.93 -2.50
C ASN B 118 23.70 17.23 -3.69
N ILE B 119 23.77 16.41 -4.71
CA ILE B 119 22.91 16.62 -5.86
C ILE B 119 22.00 15.39 -5.91
N GLU B 120 20.74 15.60 -5.57
CA GLU B 120 19.76 14.53 -5.56
C GLU B 120 18.71 14.82 -6.64
N VAL B 121 18.40 13.82 -7.45
CA VAL B 121 17.42 14.01 -8.51
C VAL B 121 16.24 13.04 -8.36
N LEU B 122 15.04 13.61 -8.36
CA LEU B 122 13.80 12.86 -8.19
C LEU B 122 13.02 12.63 -9.49
N ILE B 123 12.91 11.39 -9.91
CA ILE B 123 12.14 11.01 -11.10
C ILE B 123 10.71 10.88 -10.56
N HIS B 124 10.05 12.03 -10.46
CA HIS B 124 8.72 12.19 -9.87
C HIS B 124 7.47 11.78 -10.64
N LYS B 125 6.37 11.71 -9.88
CA LYS B 125 5.04 11.36 -10.38
C LYS B 125 4.99 9.99 -11.03
N VAL B 126 5.77 9.07 -10.49
CA VAL B 126 5.84 7.73 -11.03
C VAL B 126 4.75 6.82 -10.50
N ASP B 127 3.64 7.41 -10.08
CA ASP B 127 2.51 6.63 -9.59
C ASP B 127 1.64 6.28 -10.80
N GLY B 128 1.38 4.99 -11.01
CA GLY B 128 0.58 4.57 -12.13
C GLY B 128 1.43 4.33 -13.37
N LEU B 129 2.56 3.66 -13.20
CA LEU B 129 3.48 3.35 -14.30
C LEU B 129 4.03 1.91 -14.20
N SER B 130 4.03 1.21 -15.34
CA SER B 130 4.52 -0.17 -15.38
C SER B 130 5.95 -0.23 -14.85
N GLU B 131 6.34 -1.39 -14.35
CA GLU B 131 7.68 -1.52 -13.78
C GLU B 131 8.79 -1.42 -14.82
N ASP B 132 8.76 -2.25 -15.85
CA ASP B 132 9.79 -2.20 -16.88
C ASP B 132 9.86 -0.77 -17.43
N PHE B 133 8.86 0.02 -17.07
CA PHE B 133 8.80 1.42 -17.48
C PHE B 133 9.72 2.22 -16.56
N LYS B 134 9.52 2.07 -15.25
CA LYS B 134 10.35 2.77 -14.28
C LYS B 134 11.80 2.32 -14.46
N VAL B 135 12.00 1.08 -14.87
CA VAL B 135 13.34 0.55 -15.10
C VAL B 135 14.00 1.35 -16.22
N ASP B 136 13.43 1.25 -17.42
CA ASP B 136 13.95 1.97 -18.58
C ASP B 136 14.02 3.44 -18.30
N ALA B 137 12.90 4.00 -17.83
CA ALA B 137 12.82 5.41 -17.49
C ALA B 137 14.08 5.90 -16.77
N GLN B 138 14.44 5.20 -15.69
CA GLN B 138 15.62 5.57 -14.93
C GLN B 138 16.89 5.24 -15.69
N ARG B 139 17.14 3.93 -15.88
CA ARG B 139 18.32 3.45 -16.59
C ARG B 139 18.67 4.33 -17.79
N ASP B 140 17.64 4.84 -18.46
CA ASP B 140 17.81 5.71 -19.61
C ASP B 140 18.24 7.10 -19.15
N ILE B 141 17.55 7.62 -18.14
CA ILE B 141 17.86 8.94 -17.59
C ILE B 141 19.24 8.94 -16.95
N MET B 142 19.52 7.91 -16.15
CA MET B 142 20.81 7.82 -15.49
C MET B 142 21.93 7.90 -16.52
N GLN B 143 21.77 7.25 -17.66
CA GLN B 143 22.81 7.31 -18.68
C GLN B 143 22.88 8.70 -19.31
N ARG B 144 21.74 9.25 -19.68
CA ARG B 144 21.69 10.56 -20.33
C ARG B 144 22.30 11.72 -19.57
N THR B 145 22.76 11.47 -18.34
CA THR B 145 23.39 12.52 -17.55
C THR B 145 24.86 12.16 -17.41
N GLY B 146 25.16 10.86 -17.48
CA GLY B 146 26.53 10.41 -17.38
C GLY B 146 27.24 10.73 -18.67
N GLU B 147 26.50 11.34 -19.59
CA GLU B 147 27.04 11.72 -20.88
C GLU B 147 26.94 13.23 -21.02
N GLU B 148 25.85 13.79 -20.49
CA GLU B 148 25.61 15.22 -20.52
C GLU B 148 26.64 15.95 -19.65
N LEU B 149 27.17 15.25 -18.65
CA LEU B 149 28.16 15.81 -17.74
C LEU B 149 29.60 15.50 -18.16
N LEU B 150 29.77 14.51 -19.03
CA LEU B 150 31.11 14.16 -19.51
C LEU B 150 31.40 15.14 -20.62
N GLU B 151 30.32 15.74 -21.11
CA GLU B 151 30.35 16.73 -22.17
C GLU B 151 30.66 18.04 -21.48
N LEU B 152 30.12 18.21 -20.29
CA LEU B 152 30.33 19.41 -19.50
C LEU B 152 31.67 19.29 -18.76
N GLY B 153 32.34 18.15 -18.95
CA GLY B 153 33.63 17.93 -18.32
C GLY B 153 33.66 17.49 -16.87
N LEU B 154 32.50 17.26 -16.26
CA LEU B 154 32.48 16.84 -14.87
C LEU B 154 31.74 15.52 -14.65
N ASP B 155 32.45 14.42 -14.85
CA ASP B 155 31.89 13.08 -14.66
C ASP B 155 32.11 12.59 -13.22
N GLY B 156 32.87 13.38 -12.46
CA GLY B 156 33.14 13.01 -11.08
C GLY B 156 32.05 13.41 -10.09
N VAL B 157 31.08 14.20 -10.55
CA VAL B 157 30.00 14.65 -9.67
C VAL B 157 29.14 13.47 -9.28
N GLN B 158 28.98 13.25 -7.97
CA GLN B 158 28.16 12.15 -7.47
C GLN B 158 26.69 12.55 -7.51
N VAL B 159 25.91 11.79 -8.26
CA VAL B 159 24.48 12.04 -8.41
C VAL B 159 23.70 10.81 -8.00
N SER B 160 22.77 11.00 -7.06
CA SER B 160 21.92 9.91 -6.60
C SER B 160 20.58 10.14 -7.25
N PHE B 161 20.02 9.12 -7.91
CA PHE B 161 18.70 9.25 -8.55
C PHE B 161 17.66 8.48 -7.72
N TYR B 162 16.43 8.99 -7.70
CA TYR B 162 15.35 8.34 -6.95
C TYR B 162 14.06 8.23 -7.78
N LEU B 163 13.21 7.26 -7.45
CA LEU B 163 11.92 7.06 -8.13
C LEU B 163 10.82 7.40 -7.13
N THR B 164 10.18 8.56 -7.29
CA THR B 164 9.17 8.99 -6.32
C THR B 164 7.74 9.31 -6.79
N SER B 165 6.86 9.50 -5.81
CA SER B 165 5.43 9.82 -5.99
C SER B 165 4.79 10.22 -4.65
N ILE B 166 4.23 11.42 -4.53
CA ILE B 166 3.63 11.84 -3.25
C ILE B 166 2.30 11.17 -2.85
N PHE B 167 1.87 10.21 -3.65
CA PHE B 167 0.67 9.45 -3.33
C PHE B 167 1.21 8.05 -3.05
N ASP B 168 2.53 8.00 -2.86
CA ASP B 168 3.27 6.77 -2.65
C ASP B 168 3.98 6.81 -1.31
N HIS B 169 4.95 5.93 -1.16
CA HIS B 169 5.73 5.88 0.05
C HIS B 169 7.15 6.25 -0.40
N SER B 170 7.38 6.22 -1.72
CA SER B 170 8.68 6.52 -2.31
C SER B 170 9.36 7.80 -1.84
N ILE B 171 8.67 8.92 -1.94
CA ILE B 171 9.22 10.22 -1.53
C ILE B 171 9.71 10.22 -0.10
N TYR B 172 9.21 9.30 0.73
CA TYR B 172 9.64 9.27 2.12
C TYR B 172 10.93 8.46 2.22
N GLU B 173 11.00 7.38 1.44
CA GLU B 173 12.18 6.52 1.41
C GLU B 173 13.34 7.24 0.77
N ALA B 174 13.04 8.08 -0.21
CA ALA B 174 14.08 8.86 -0.86
C ALA B 174 14.60 9.88 0.16
N PHE B 175 13.72 10.79 0.59
CA PHE B 175 14.10 11.81 1.55
C PHE B 175 14.71 11.28 2.84
N SER B 176 14.41 10.04 3.17
CA SER B 176 14.99 9.49 4.38
C SER B 176 16.48 9.50 4.14
N ARG B 177 16.92 8.87 3.05
CA ARG B 177 18.33 8.81 2.69
C ARG B 177 18.87 10.21 2.52
N ILE B 178 18.07 11.06 1.87
CA ILE B 178 18.45 12.43 1.60
C ILE B 178 18.79 13.22 2.85
N VAL B 179 17.94 13.11 3.87
CA VAL B 179 18.19 13.82 5.11
C VAL B 179 19.44 13.28 5.76
N GLN B 180 19.56 11.95 5.81
CA GLN B 180 20.74 11.33 6.41
C GLN B 180 22.03 11.84 5.72
N LYS B 181 22.05 11.80 4.39
CA LYS B 181 23.21 12.26 3.62
C LYS B 181 23.55 13.69 3.97
N LEU B 182 22.54 14.47 4.31
CA LEU B 182 22.72 15.87 4.65
C LEU B 182 23.36 16.07 6.00
N ILE B 183 22.62 15.73 7.04
CA ILE B 183 23.11 15.91 8.40
C ILE B 183 23.90 14.74 8.98
N PRO B 184 25.22 14.89 9.08
CA PRO B 184 26.01 13.78 9.64
C PRO B 184 25.86 13.72 11.16
N GLU B 185 25.51 14.84 11.78
CA GLU B 185 25.35 14.91 13.22
C GLU B 185 24.36 13.90 13.76
N LEU B 186 23.45 13.44 12.90
CA LEU B 186 22.45 12.49 13.36
C LEU B 186 22.80 11.06 12.98
N SER B 187 24.10 10.78 12.80
CA SER B 187 24.54 9.44 12.40
C SER B 187 24.96 8.52 13.56
N PHE B 188 25.00 9.08 14.76
CA PHE B 188 25.36 8.27 15.91
C PHE B 188 24.34 7.17 16.04
N LEU B 189 23.12 7.47 15.61
CA LEU B 189 21.98 6.56 15.66
C LEU B 189 22.10 5.50 14.57
N GLU B 190 22.61 5.89 13.40
CA GLU B 190 22.80 4.93 12.33
C GLU B 190 23.81 3.91 12.83
N ASN B 191 24.85 4.43 13.47
CA ASN B 191 25.93 3.62 14.01
C ASN B 191 25.45 2.63 15.07
N MET B 192 24.60 3.08 16.00
CA MET B 192 24.09 2.17 17.04
C MET B 192 23.36 1.02 16.36
N LEU B 193 22.83 1.28 15.16
CA LEU B 193 22.09 0.27 14.41
C LEU B 193 23.03 -0.70 13.70
N ASP B 194 24.16 -0.20 13.22
CA ASP B 194 25.12 -1.06 12.57
C ASP B 194 25.67 -2.05 13.58
N ASN B 195 25.42 -1.76 14.85
CA ASN B 195 25.87 -2.62 15.93
C ASN B 195 24.81 -3.66 16.24
N LEU B 196 23.55 -3.21 16.28
CA LEU B 196 22.43 -4.08 16.55
C LEU B 196 22.44 -5.19 15.51
N ILE B 197 22.56 -4.83 14.23
CA ILE B 197 22.58 -5.83 13.17
C ILE B 197 23.99 -6.39 12.92
N GLN B 198 24.96 -5.86 13.65
CA GLN B 198 26.35 -6.31 13.51
C GLN B 198 26.40 -7.71 14.08
N HIS B 199 27.06 -8.62 13.40
CA HIS B 199 27.12 -9.99 13.86
C HIS B 199 25.68 -10.45 14.08
N SER B 200 24.88 -10.46 13.03
CA SER B 200 23.50 -10.89 13.23
C SER B 200 22.92 -11.74 12.14
N LYS B 201 21.74 -12.27 12.48
CA LYS B 201 20.96 -13.07 11.56
C LYS B 201 19.85 -12.08 11.23
N ILE B 202 20.19 -10.81 11.44
CA ILE B 202 19.35 -9.66 11.19
C ILE B 202 19.91 -8.98 9.93
N GLU B 203 19.08 -8.74 8.91
CA GLU B 203 19.56 -8.10 7.68
C GLU B 203 19.48 -6.57 7.69
N LYS B 204 18.34 -6.06 8.13
CA LYS B 204 18.12 -4.63 8.13
C LYS B 204 17.31 -4.17 9.34
N ALA B 205 17.51 -2.91 9.73
CA ALA B 205 16.79 -2.32 10.86
C ALA B 205 16.48 -0.85 10.63
N PHE B 206 15.25 -0.47 10.90
CA PHE B 206 14.84 0.89 10.73
C PHE B 206 14.37 1.41 12.08
N LEU B 207 14.39 2.73 12.23
CA LEU B 207 13.94 3.37 13.45
C LEU B 207 12.87 4.33 12.98
N PHE B 208 11.63 3.89 13.09
CA PHE B 208 10.48 4.66 12.64
C PHE B 208 9.70 5.32 13.73
N ASP B 209 9.36 6.59 13.53
CA ASP B 209 8.51 7.24 14.51
C ASP B 209 7.11 6.95 14.01
N VAL B 210 6.29 6.41 14.89
CA VAL B 210 4.92 6.02 14.58
C VAL B 210 4.12 6.98 13.69
N ASN B 211 4.47 8.27 13.70
CA ASN B 211 3.74 9.26 12.91
C ASN B 211 4.47 9.91 11.77
N SER B 212 5.52 9.25 11.30
CA SER B 212 6.31 9.77 10.19
C SER B 212 6.75 8.63 9.32
N LYS B 213 6.74 8.86 8.01
CA LYS B 213 7.17 7.84 7.06
C LYS B 213 8.62 8.01 6.64
N ILE B 214 9.23 9.10 7.10
CA ILE B 214 10.64 9.36 6.84
C ILE B 214 11.31 8.64 8.02
N TYR B 215 11.91 7.47 7.78
CA TYR B 215 12.55 6.75 8.89
C TYR B 215 13.54 7.67 9.60
N VAL B 216 13.69 7.51 10.92
CA VAL B 216 14.61 8.32 11.69
C VAL B 216 16.04 7.86 11.51
N SER B 217 16.21 6.57 11.19
CA SER B 217 17.55 6.04 10.97
C SER B 217 17.54 4.57 10.67
N THR B 218 18.63 4.10 10.06
CA THR B 218 18.78 2.69 9.75
C THR B 218 20.26 2.45 9.52
N ASP B 219 20.60 1.18 9.41
CA ASP B 219 21.98 0.73 9.20
C ASP B 219 22.74 1.31 8.01
N SER B 220 24.06 1.24 8.10
CA SER B 220 24.94 1.74 7.05
C SER B 220 25.04 0.66 5.96
N ASN B 221 24.48 -0.51 6.26
CA ASN B 221 24.46 -1.64 5.35
C ASN B 221 24.19 -1.08 3.96
N PRO B 222 25.10 -1.34 3.03
CA PRO B 222 24.97 -0.86 1.66
C PRO B 222 23.82 -1.45 0.88
N VAL B 223 23.74 -2.78 0.93
CA VAL B 223 22.70 -3.52 0.23
C VAL B 223 21.34 -3.12 0.80
N ASP B 224 21.01 -1.83 0.75
CA ASP B 224 19.71 -1.39 1.21
C ASP B 224 18.83 -2.20 0.26
N ILE B 225 17.97 -3.06 0.78
CA ILE B 225 17.19 -3.85 -0.14
C ILE B 225 15.84 -3.22 -0.43
N GLN B 226 15.72 -1.91 -0.15
CA GLN B 226 14.46 -1.24 -0.37
C GLN B 226 13.48 -2.01 0.50
N MET B 227 13.98 -2.53 1.62
CA MET B 227 13.18 -3.27 2.57
C MET B 227 12.42 -2.21 3.33
N TYR B 228 12.58 -0.96 2.88
CA TYR B 228 11.92 0.16 3.48
C TYR B 228 10.43 0.00 3.23
N GLU B 229 10.05 -0.19 1.97
CA GLU B 229 8.66 -0.37 1.62
C GLU B 229 7.98 -1.34 2.58
N VAL B 230 8.62 -2.49 2.82
CA VAL B 230 8.08 -3.55 3.69
C VAL B 230 7.95 -3.23 5.18
N CYS B 231 8.98 -2.61 5.74
CA CYS B 231 8.98 -2.25 7.15
C CYS B 231 8.08 -1.05 7.39
N SER B 232 8.11 -0.12 6.46
CA SER B 232 7.31 1.07 6.60
C SER B 232 5.85 0.69 6.71
N GLU B 233 5.42 -0.27 5.91
CA GLU B 233 4.02 -0.69 5.94
C GLU B 233 3.75 -1.52 7.17
N PHE B 234 4.75 -2.27 7.61
CA PHE B 234 4.53 -3.11 8.77
C PHE B 234 4.03 -2.30 9.94
N ILE B 235 4.51 -1.07 10.05
CA ILE B 235 4.07 -0.21 11.15
C ILE B 235 2.56 -0.06 11.06
N ASP B 236 2.08 0.37 9.90
CA ASP B 236 0.65 0.56 9.67
C ASP B 236 -0.16 -0.68 10.00
N VAL B 237 0.33 -1.86 9.63
CA VAL B 237 -0.39 -3.07 9.97
C VAL B 237 -0.55 -3.07 11.49
N THR B 238 0.58 -3.12 12.19
CA THR B 238 0.59 -3.10 13.65
C THR B 238 -0.38 -2.07 14.23
N ILE B 239 -0.20 -0.81 13.87
CA ILE B 239 -1.07 0.22 14.40
C ILE B 239 -2.53 -0.07 14.04
N ASP B 240 -2.84 -0.19 12.75
CA ASP B 240 -4.20 -0.43 12.29
C ASP B 240 -4.89 -1.66 12.85
N LEU B 241 -4.24 -2.81 12.82
CA LEU B 241 -4.87 -4.01 13.35
C LEU B 241 -5.10 -3.86 14.84
N PHE B 242 -4.13 -3.32 15.54
CA PHE B 242 -4.23 -3.11 16.99
C PHE B 242 -5.40 -2.17 17.34
N ASP B 243 -5.46 -1.05 16.62
CA ASP B 243 -6.47 -0.03 16.84
C ASP B 243 -7.91 -0.50 16.71
N LEU B 244 -8.13 -1.64 16.07
CA LEU B 244 -9.49 -2.14 15.91
C LEU B 244 -10.05 -2.86 17.12
N TYR B 245 -9.25 -3.73 17.72
CA TYR B 245 -9.69 -4.51 18.88
C TYR B 245 -9.33 -3.98 20.27
N LYS B 246 -8.45 -2.99 20.34
CA LYS B 246 -8.07 -2.42 21.64
C LYS B 246 -9.36 -1.87 22.27
N ALA B 247 -9.57 -2.17 23.54
CA ALA B 247 -10.76 -1.71 24.24
C ALA B 247 -10.45 -0.55 25.20
N PRO B 265 11.56 -7.80 30.29
CA PRO B 265 11.87 -6.50 29.65
C PRO B 265 11.14 -6.29 28.32
N ARG B 266 9.91 -6.80 28.24
CA ARG B 266 9.09 -6.69 27.03
C ARG B 266 7.67 -6.15 27.25
N ASN B 267 7.56 -5.12 28.10
CA ASN B 267 6.28 -4.49 28.42
C ASN B 267 5.94 -3.30 27.49
N GLU B 268 5.58 -3.61 26.24
CA GLU B 268 5.20 -2.60 25.24
C GLU B 268 4.58 -3.23 23.98
N LEU B 269 4.44 -2.41 22.93
CA LEU B 269 3.85 -2.84 21.66
C LEU B 269 4.85 -3.61 20.78
N GLN B 270 4.43 -4.75 20.24
CA GLN B 270 5.31 -5.53 19.37
C GLN B 270 4.54 -6.40 18.37
N ASN B 271 5.13 -6.62 17.20
CA ASN B 271 4.49 -7.42 16.16
C ASN B 271 5.52 -8.24 15.38
N VAL B 272 5.18 -9.51 15.15
CA VAL B 272 6.06 -10.43 14.43
C VAL B 272 5.32 -11.10 13.27
N SER B 273 5.98 -11.14 12.12
CA SER B 273 5.36 -11.78 10.97
C SER B 273 6.42 -12.57 10.22
N GLN B 274 6.03 -13.72 9.67
CA GLN B 274 6.97 -14.54 8.93
C GLN B 274 6.35 -15.02 7.64
N LEU B 275 7.12 -14.92 6.56
CA LEU B 275 6.65 -15.30 5.24
C LEU B 275 6.95 -16.77 4.88
N ALA B 276 6.57 -17.15 3.67
CA ALA B 276 6.77 -18.49 3.17
C ALA B 276 8.21 -18.98 3.34
N ASN B 277 9.15 -18.26 2.73
CA ASN B 277 10.57 -18.62 2.78
C ASN B 277 11.22 -18.52 4.16
N GLY B 278 10.52 -17.90 5.12
CA GLY B 278 11.06 -17.81 6.47
C GLY B 278 11.44 -16.45 6.99
N VAL B 279 11.63 -15.47 6.11
CA VAL B 279 12.00 -14.14 6.53
C VAL B 279 11.07 -13.68 7.63
N ILE B 280 11.56 -12.82 8.51
CA ILE B 280 10.75 -12.32 9.60
C ILE B 280 10.71 -10.81 9.63
N ILE B 281 9.52 -10.24 9.82
CA ILE B 281 9.38 -8.80 9.96
C ILE B 281 9.07 -8.63 11.44
N TYR B 282 9.97 -7.96 12.14
CA TYR B 282 9.85 -7.77 13.58
C TYR B 282 9.74 -6.30 13.96
N LEU B 283 8.75 -5.97 14.78
CA LEU B 283 8.58 -4.60 15.21
C LEU B 283 8.52 -4.63 16.73
N ARG B 284 9.26 -3.73 17.36
CA ARG B 284 9.26 -3.61 18.81
C ARG B 284 9.33 -2.15 19.18
N GLN B 285 8.44 -1.72 20.06
CA GLN B 285 8.44 -0.33 20.46
C GLN B 285 9.73 -0.08 21.23
N MET B 286 10.26 1.13 21.12
CA MET B 286 11.51 1.48 21.80
C MET B 286 11.29 2.55 22.83
N ILE B 287 10.70 3.66 22.40
CA ILE B 287 10.45 4.76 23.33
C ILE B 287 9.24 5.62 22.94
N ARG B 288 8.13 5.41 23.66
CA ARG B 288 6.92 6.20 23.47
C ARG B 288 6.71 6.64 22.02
N GLY B 289 6.20 5.71 21.22
CA GLY B 289 5.93 6.01 19.82
C GLY B 289 7.11 5.84 18.87
N LEU B 290 8.25 5.37 19.35
CA LEU B 290 9.37 5.18 18.44
C LEU B 290 9.58 3.69 18.40
N ALA B 291 9.44 3.11 17.22
CA ALA B 291 9.56 1.68 17.05
C ALA B 291 10.71 1.26 16.18
N LEU B 292 11.14 0.02 16.36
CA LEU B 292 12.22 -0.56 15.59
C LEU B 292 11.64 -1.67 14.72
N VAL B 293 11.93 -1.62 13.43
CA VAL B 293 11.45 -2.64 12.52
C VAL B 293 12.65 -3.30 11.87
N ALA B 294 12.79 -4.60 12.07
CA ALA B 294 13.91 -5.31 11.50
C ALA B 294 13.49 -6.49 10.63
N ILE B 295 14.44 -6.91 9.79
CA ILE B 295 14.31 -8.03 8.87
C ILE B 295 15.21 -9.13 9.44
N ILE B 296 14.65 -10.29 9.76
CA ILE B 296 15.45 -11.39 10.31
C ILE B 296 15.35 -12.63 9.41
N ARG B 297 16.50 -13.09 8.92
CA ARG B 297 16.56 -14.26 8.04
C ARG B 297 17.24 -15.43 8.71
N PRO B 298 16.48 -16.51 8.99
CA PRO B 298 17.04 -17.69 9.63
C PRO B 298 17.19 -18.88 8.69
N ASN B 299 18.42 -19.26 8.36
CA ASN B 299 18.64 -20.41 7.48
C ASN B 299 18.32 -21.71 8.23
N GLY B 300 17.04 -22.02 8.40
CA GLY B 300 16.64 -23.21 9.12
C GLY B 300 16.32 -22.96 10.58
N THR B 301 17.26 -22.32 11.27
CA THR B 301 17.09 -21.98 12.69
C THR B 301 15.64 -21.52 12.88
N ASP B 302 14.93 -22.13 13.83
CA ASP B 302 13.52 -21.78 14.05
C ASP B 302 13.31 -20.34 14.47
N MET B 303 12.05 -19.95 14.54
CA MET B 303 11.66 -18.61 14.92
C MET B 303 11.76 -18.32 16.42
N GLU B 304 10.99 -19.04 17.24
CA GLU B 304 10.97 -18.81 18.68
C GLU B 304 12.27 -18.41 19.33
N SER B 305 13.37 -19.06 18.97
CA SER B 305 14.67 -18.73 19.56
C SER B 305 15.47 -17.73 18.71
N CYS B 306 15.22 -17.71 17.42
CA CYS B 306 15.90 -16.77 16.55
C CYS B 306 15.44 -15.42 17.05
N LEU B 307 14.16 -15.37 17.41
CA LEU B 307 13.52 -14.17 17.92
C LEU B 307 14.14 -13.76 19.26
N THR B 308 14.42 -14.72 20.13
CA THR B 308 14.99 -14.37 21.42
C THR B 308 16.38 -13.75 21.31
N VAL B 309 17.20 -14.24 20.38
CA VAL B 309 18.56 -13.71 20.19
C VAL B 309 18.61 -12.28 19.64
N ALA B 310 17.52 -11.87 19.01
CA ALA B 310 17.45 -10.52 18.48
C ALA B 310 17.16 -9.67 19.70
N ASP B 311 16.12 -10.07 20.43
CA ASP B 311 15.71 -9.37 21.62
C ASP B 311 16.91 -8.94 22.44
N TYR B 312 17.94 -9.79 22.49
CA TYR B 312 19.14 -9.46 23.25
C TYR B 312 19.80 -8.22 22.71
N ASN B 313 20.22 -8.27 21.44
CA ASN B 313 20.87 -7.13 20.81
C ASN B 313 19.94 -5.93 20.84
N ILE B 314 18.64 -6.17 20.72
CA ILE B 314 17.68 -5.08 20.74
C ILE B 314 17.57 -4.50 22.14
N ASP B 315 17.18 -5.31 23.12
CA ASP B 315 17.05 -4.84 24.49
C ASP B 315 18.27 -4.00 24.88
N ILE B 316 19.42 -4.36 24.32
CA ILE B 316 20.67 -3.63 24.58
C ILE B 316 20.48 -2.25 23.94
N PHE B 317 20.33 -2.27 22.62
CA PHE B 317 20.12 -1.07 21.85
C PHE B 317 19.07 -0.18 22.53
N LYS B 318 18.01 -0.80 23.02
CA LYS B 318 16.94 -0.06 23.68
C LYS B 318 17.52 0.73 24.86
N LYS B 319 18.30 0.06 25.70
CA LYS B 319 18.91 0.74 26.84
C LYS B 319 19.70 1.94 26.36
N GLY B 320 20.49 1.71 25.31
CA GLY B 320 21.31 2.77 24.75
C GLY B 320 20.54 4.05 24.46
N LEU B 321 19.32 3.91 23.93
CA LEU B 321 18.52 5.08 23.63
C LEU B 321 17.93 5.60 24.91
N GLU B 322 17.69 4.69 25.85
CA GLU B 322 17.13 5.09 27.13
C GLU B 322 18.15 5.86 27.93
N ASP B 323 19.43 5.55 27.73
CA ASP B 323 20.50 6.23 28.44
C ASP B 323 20.65 7.69 27.99
N ILE B 324 20.62 7.92 26.68
CA ILE B 324 20.76 9.27 26.13
C ILE B 324 19.48 10.12 26.22
N TRP B 325 18.35 9.48 26.45
CA TRP B 325 17.08 10.21 26.54
C TRP B 325 16.94 10.85 27.91
PG GTP C . -13.83 -0.74 -19.56
O1G GTP C . -13.93 -2.09 -20.22
O2G GTP C . -13.36 0.41 -20.41
O3G GTP C . -15.14 -0.52 -20.26
O3B GTP C . -14.66 -0.34 -18.25
PB GTP C . -13.99 -0.31 -16.80
O1B GTP C . -13.45 -1.65 -16.43
O2B GTP C . -15.04 0.11 -15.81
O3A GTP C . -12.80 0.75 -16.88
PA GTP C . -11.57 0.72 -15.81
O1A GTP C . -10.47 -0.08 -16.45
O2A GTP C . -11.86 0.17 -14.45
O5' GTP C . -11.08 2.22 -15.73
C5' GTP C . -11.69 3.34 -15.21
C4' GTP C . -10.65 4.16 -14.52
O4' GTP C . -11.30 4.71 -13.39
C3' GTP C . -9.23 3.78 -14.08
O3' GTP C . -8.53 4.75 -14.85
C2' GTP C . -9.16 4.14 -12.59
O2' GTP C . -8.16 5.06 -12.23
C1' GTP C . -10.52 4.75 -12.23
N9 GTP C . -11.17 4.10 -11.11
C8 GTP C . -11.45 2.77 -10.94
N7 GTP C . -12.05 2.64 -9.75
C5 GTP C . -12.15 3.85 -9.15
C6 GTP C . -12.67 4.33 -7.92
O6 GTP C . -13.16 3.53 -7.14
N1 GTP C . -12.64 5.67 -7.54
C2 GTP C . -12.09 6.59 -8.39
N2 GTP C . -12.02 7.90 -8.12
N3 GTP C . -11.59 6.10 -9.60
C4 GTP C . -11.60 4.78 -10.02
MG MG D . -12.08 -2.31 -18.27
PB GDP E . 4.64 23.24 -8.15
O1B GDP E . 4.74 23.58 -6.68
O2B GDP E . 4.04 24.36 -8.99
O3B GDP E . 5.98 22.77 -8.72
O3A GDP E . 3.61 21.97 -8.22
PA GDP E . 2.43 21.54 -7.23
O1A GDP E . 1.40 22.68 -7.26
O2A GDP E . 3.00 21.17 -5.92
O5' GDP E . 1.85 20.25 -7.97
C5' GDP E . 1.28 20.39 -9.25
C4' GDP E . 0.29 19.25 -9.51
O4' GDP E . 0.99 17.99 -9.57
C3' GDP E . -0.81 19.07 -8.46
O3' GDP E . -2.08 18.73 -9.04
C2' GDP E . -0.29 17.95 -7.60
O2' GDP E . -1.25 17.29 -6.78
C1' GDP E . 0.35 17.10 -8.66
N9 GDP E . 1.38 16.19 -8.17
C8 GDP E . 2.44 16.53 -7.41
N7 GDP E . 3.18 15.45 -7.15
C5 GDP E . 2.57 14.40 -7.77
C6 GDP E . 2.84 12.97 -7.90
O6 GDP E . 3.82 12.42 -7.37
N1 GDP E . 1.94 12.24 -8.65
C2 GDP E . 0.85 12.75 -9.27
N2 GDP E . 0.05 11.91 -9.98
N3 GDP E . 0.51 14.06 -9.20
C4 GDP E . 1.38 14.88 -8.47
#